data_3LM5
#
_entry.id   3LM5
#
_cell.length_a   83.380
_cell.length_b   83.380
_cell.length_c   115.300
_cell.angle_alpha   90.00
_cell.angle_beta   90.00
_cell.angle_gamma   90.00
#
_symmetry.space_group_name_H-M   'P 41 2 2'
#
loop_
_entity.id
_entity.type
_entity.pdbx_description
1 polymer 'Serine/threonine-protein kinase 17B'
2 non-polymer "3,5,7,3',4'-PENTAHYDROXYFLAVONE"
3 water water
#
_entity_poly.entity_id   1
_entity_poly.type   'polypeptide(L)'
_entity_poly.pdbx_seq_one_letter_code
;MHHHHHHSSGVDLGTENLYFQSMENFNNFYILTSKELGRGKFAVVRQCISKSTGQEYAAKFLKKRRRGQDCRAEILHEIA
VLELAKSCPRVINLHEVYENTSEIILILEYAAGGEIFSLCLPELAEMVSENDVIRLIKQILEGVYYLHQNNIVHLDLKPQ
NILLSSIYPLGDIKIVDFGMSRKIGHACELREIMGTPEYLAPEILNYDPITTATDMWNIGIIAYMLLTHTSPFVGEDNQE
TYLNISQVNVDYSEETFSSVSQLATDFIQSLLVKNPEKRPTAEICLSHSWLQQWDFENLFHPEETSSSSQTQDHSVRSSE
DKTSKSS
;
_entity_poly.pdbx_strand_id   A
#
# COMPACT_ATOMS: atom_id res chain seq x y z
N GLU A 16 11.36 16.66 26.81
CA GLU A 16 10.20 16.63 25.86
C GLU A 16 8.88 16.21 26.57
N ASN A 17 7.83 16.98 26.34
CA ASN A 17 6.49 16.72 26.84
C ASN A 17 5.69 15.82 25.90
N LEU A 18 5.13 14.77 26.46
CA LEU A 18 4.38 13.78 25.68
C LEU A 18 2.92 14.20 25.36
N TYR A 19 2.42 13.82 24.18
CA TYR A 19 1.06 14.17 23.77
C TYR A 19 0.02 13.02 23.95
N PHE A 20 0.36 11.84 23.45
CA PHE A 20 -0.60 10.74 23.42
C PHE A 20 -0.66 9.97 24.74
N GLN A 21 -1.51 8.95 24.84
CA GLN A 21 -1.71 8.27 26.12
C GLN A 21 -0.43 7.62 26.53
N SER A 22 -0.30 7.44 27.84
CA SER A 22 0.94 6.98 28.45
C SER A 22 1.21 5.51 28.18
N MET A 23 2.47 5.12 28.33
CA MET A 23 2.92 3.74 28.15
C MET A 23 2.40 2.84 29.26
N GLU A 24 2.34 3.35 30.48
CA GLU A 24 1.73 2.59 31.57
C GLU A 24 0.32 2.15 31.14
N ASN A 25 -0.41 3.05 30.49
CA ASN A 25 -1.76 2.73 29.99
C ASN A 25 -1.69 1.65 28.92
N PHE A 26 -0.75 1.81 28.01
CA PHE A 26 -0.57 0.83 26.94
C PHE A 26 -0.43 -0.57 27.54
N ASN A 27 0.44 -0.73 28.52
CA ASN A 27 0.67 -2.04 29.15
C ASN A 27 -0.47 -2.48 30.08
N ASN A 28 -1.23 -1.54 30.60
CA ASN A 28 -2.42 -1.88 31.41
CA ASN A 28 -2.39 -1.90 31.41
C ASN A 28 -3.51 -2.41 30.50
N PHE A 29 -3.57 -1.92 29.25
CA PHE A 29 -4.65 -2.28 28.31
C PHE A 29 -4.34 -3.35 27.26
N TYR A 30 -3.08 -3.46 26.83
CA TYR A 30 -2.66 -4.43 25.80
C TYR A 30 -1.54 -5.37 26.27
N ILE A 31 -1.51 -6.58 25.72
CA ILE A 31 -0.35 -7.47 25.81
C ILE A 31 0.20 -7.71 24.40
N LEU A 32 1.51 -7.66 24.27
CA LEU A 32 2.14 -7.88 22.98
C LEU A 32 2.29 -9.37 22.83
N THR A 33 2.20 -9.85 21.59
CA THR A 33 2.43 -11.28 21.32
C THR A 33 3.83 -11.47 20.72
N SER A 34 4.25 -12.72 20.66
CA SER A 34 5.54 -13.11 20.10
C SER A 34 5.66 -12.88 18.59
N LYS A 35 4.56 -12.54 17.92
CA LYS A 35 4.52 -12.31 16.47
C LYS A 35 4.95 -10.89 16.09
N GLU A 36 6.23 -10.75 15.74
CA GLU A 36 6.69 -9.56 15.10
C GLU A 36 6.22 -9.56 13.65
N LEU A 37 5.50 -8.51 13.29
CA LEU A 37 4.88 -8.41 11.99
C LEU A 37 5.76 -7.71 10.95
N GLY A 38 6.54 -6.72 11.38
CA GLY A 38 7.39 -5.97 10.46
C GLY A 38 8.42 -5.12 11.20
N ARG A 39 9.52 -4.81 10.52
CA ARG A 39 10.62 -4.03 11.08
C ARG A 39 11.20 -3.22 9.94
N GLY A 40 11.39 -1.92 10.15
CA GLY A 40 12.18 -1.04 9.26
C GLY A 40 13.24 -0.38 10.14
N LYS A 41 14.04 0.53 9.60
CA LYS A 41 15.17 1.06 10.35
C LYS A 41 14.71 1.85 11.60
N PHE A 42 13.58 2.55 11.48
CA PHE A 42 13.02 3.39 12.56
C PHE A 42 11.60 3.00 12.97
N ALA A 43 11.20 1.78 12.69
CA ALA A 43 9.90 1.33 13.15
C ALA A 43 9.85 -0.18 13.28
N VAL A 44 8.98 -0.63 14.17
CA VAL A 44 8.69 -2.06 14.32
C VAL A 44 7.17 -2.21 14.50
N VAL A 45 6.59 -3.24 13.91
CA VAL A 45 5.16 -3.52 14.08
C VAL A 45 5.05 -4.89 14.71
N ARG A 46 4.30 -4.96 15.81
CA ARG A 46 4.06 -6.18 16.54
C ARG A 46 2.56 -6.38 16.80
N GLN A 47 2.11 -7.61 16.82
CA GLN A 47 0.74 -7.93 17.19
C GLN A 47 0.52 -7.69 18.67
N CYS A 48 -0.59 -7.09 19.02
CA CYS A 48 -0.97 -6.98 20.41
C CYS A 48 -2.43 -7.36 20.57
N ILE A 49 -2.83 -7.61 21.81
CA ILE A 49 -4.18 -8.05 22.12
C ILE A 49 -4.75 -7.21 23.23
N SER A 50 -5.99 -6.77 23.09
CA SER A 50 -6.63 -6.02 24.16
C SER A 50 -6.83 -7.00 25.30
N LYS A 51 -6.50 -6.58 26.51
CA LYS A 51 -6.70 -7.40 27.69
C LYS A 51 -8.19 -7.52 28.01
N SER A 52 -8.94 -6.42 27.83
CA SER A 52 -10.40 -6.46 28.07
C SER A 52 -11.14 -7.36 27.08
N THR A 53 -11.01 -7.10 25.77
CA THR A 53 -11.84 -7.75 24.73
C THR A 53 -11.24 -9.00 24.06
N GLY A 54 -9.91 -9.13 24.05
CA GLY A 54 -9.26 -10.18 23.24
C GLY A 54 -9.08 -9.85 21.76
N GLN A 55 -9.48 -8.67 21.32
CA GLN A 55 -9.36 -8.27 19.92
C GLN A 55 -7.87 -8.00 19.56
N GLU A 56 -7.42 -8.54 18.42
CA GLU A 56 -6.06 -8.37 17.94
C GLU A 56 -5.90 -7.06 17.21
N TYR A 57 -4.76 -6.43 17.43
CA TYR A 57 -4.40 -5.25 16.70
C TYR A 57 -2.95 -5.35 16.26
N ALA A 58 -2.55 -4.42 15.41
CA ALA A 58 -1.17 -4.26 15.04
C ALA A 58 -0.65 -2.99 15.74
N ALA A 59 0.41 -3.10 16.54
CA ALA A 59 1.00 -1.95 17.21
C ALA A 59 2.27 -1.52 16.47
N LYS A 60 2.24 -0.36 15.82
CA LYS A 60 3.42 0.16 15.11
C LYS A 60 4.14 1.19 15.93
N PHE A 61 5.38 0.88 16.26
CA PHE A 61 6.18 1.71 17.12
C PHE A 61 7.06 2.51 16.17
N LEU A 62 6.84 3.81 16.13
CA LEU A 62 7.57 4.72 15.24
C LEU A 62 8.55 5.51 16.11
N LYS A 63 9.84 5.44 15.82
CA LYS A 63 10.78 6.27 16.55
C LYS A 63 10.57 7.76 16.21
N LYS A 64 10.61 8.61 17.22
CA LYS A 64 10.47 10.05 16.99
C LYS A 64 11.76 10.74 16.48
N ARG A 65 12.92 10.18 16.77
CA ARG A 65 14.18 10.75 16.28
C ARG A 65 14.71 9.83 15.20
N ARG A 66 15.11 10.42 14.10
CA ARG A 66 15.64 9.65 12.98
C ARG A 66 16.66 10.48 12.28
N ARG A 67 17.81 9.84 12.00
CA ARG A 67 18.88 10.47 11.25
C ARG A 67 19.24 11.86 11.78
N GLY A 68 19.11 12.04 13.10
CA GLY A 68 19.46 13.31 13.73
C GLY A 68 18.35 14.34 13.60
N GLN A 69 17.19 13.90 13.10
CA GLN A 69 16.07 14.79 12.82
C GLN A 69 14.91 14.41 13.72
N ASP A 70 14.31 15.40 14.37
CA ASP A 70 13.09 15.20 15.18
C ASP A 70 11.90 15.01 14.21
N CYS A 71 11.22 13.88 14.30
CA CYS A 71 10.23 13.51 13.31
C CYS A 71 8.81 13.43 13.85
N ARG A 72 8.55 14.00 15.02
CA ARG A 72 7.22 13.87 15.62
C ARG A 72 6.15 14.57 14.78
N ALA A 73 6.46 15.77 14.28
CA ALA A 73 5.58 16.50 13.39
C ALA A 73 5.18 15.64 12.20
N GLU A 74 6.11 14.88 11.65
CA GLU A 74 5.81 14.06 10.49
C GLU A 74 4.90 12.94 10.89
N ILE A 75 5.11 12.41 12.10
CA ILE A 75 4.29 11.28 12.57
C ILE A 75 2.85 11.79 12.78
N LEU A 76 2.73 13.02 13.26
CA LEU A 76 1.44 13.66 13.49
C LEU A 76 0.66 13.81 12.21
N HIS A 77 1.36 14.22 11.15
CA HIS A 77 0.83 14.26 9.80
C HIS A 77 0.31 12.91 9.35
N GLU A 78 1.07 11.84 9.57
CA GLU A 78 0.61 10.50 9.23
C GLU A 78 -0.67 10.11 10.00
N ILE A 79 -0.75 10.47 11.28
CA ILE A 79 -1.95 10.24 12.08
C ILE A 79 -3.13 11.06 11.53
N ALA A 80 -2.89 12.31 11.17
CA ALA A 80 -3.91 13.14 10.55
C ALA A 80 -4.51 12.50 9.30
N VAL A 81 -3.67 11.88 8.49
CA VAL A 81 -4.13 11.21 7.28
C VAL A 81 -4.97 9.96 7.58
N LEU A 82 -4.48 9.09 8.44
CA LEU A 82 -5.24 7.90 8.77
C LEU A 82 -6.57 8.30 9.34
N GLU A 83 -6.57 9.37 10.15
CA GLU A 83 -7.81 9.85 10.74
C GLU A 83 -8.78 10.40 9.67
N LEU A 84 -8.26 11.19 8.73
CA LEU A 84 -9.09 11.71 7.65
C LEU A 84 -9.77 10.54 6.90
N ALA A 85 -9.08 9.41 6.74
CA ALA A 85 -9.60 8.30 5.93
C ALA A 85 -10.26 7.18 6.72
N LYS A 86 -10.68 7.48 7.94
CA LYS A 86 -11.27 6.48 8.81
C LYS A 86 -12.56 5.88 8.23
N SER A 87 -13.31 6.67 7.48
CA SER A 87 -14.56 6.23 6.88
C SER A 87 -14.36 5.39 5.61
N CYS A 88 -13.10 5.23 5.17
CA CYS A 88 -12.87 4.48 3.94
C CYS A 88 -12.35 3.09 4.34
N PRO A 89 -13.11 2.02 4.07
CA PRO A 89 -12.65 0.73 4.60
C PRO A 89 -11.49 0.11 3.85
N ARG A 90 -11.06 0.76 2.76
CA ARG A 90 -9.86 0.33 2.00
C ARG A 90 -8.55 0.91 2.54
N VAL A 91 -8.66 1.81 3.50
CA VAL A 91 -7.52 2.35 4.22
C VAL A 91 -7.57 1.84 5.65
N ILE A 92 -6.44 1.36 6.13
CA ILE A 92 -6.33 0.74 7.46
C ILE A 92 -6.77 1.79 8.46
N ASN A 93 -7.52 1.38 9.48
CA ASN A 93 -8.07 2.29 10.46
C ASN A 93 -7.20 2.33 11.72
N LEU A 94 -7.04 3.53 12.23
CA LEU A 94 -6.31 3.76 13.47
C LEU A 94 -7.27 3.66 14.64
N HIS A 95 -6.97 2.81 15.61
CA HIS A 95 -7.79 2.62 16.79
C HIS A 95 -7.39 3.53 17.95
N GLU A 96 -6.11 3.51 18.31
CA GLU A 96 -5.62 4.34 19.43
C GLU A 96 -4.18 4.74 19.22
N VAL A 97 -3.72 5.66 20.04
CA VAL A 97 -2.34 6.08 19.96
C VAL A 97 -1.75 6.25 21.36
N TYR A 98 -0.52 5.75 21.53
CA TYR A 98 0.24 5.91 22.74
C TYR A 98 1.60 6.50 22.40
N GLU A 99 2.30 6.95 23.44
CA GLU A 99 3.58 7.62 23.31
C GLU A 99 4.42 7.43 24.56
N ASN A 100 5.71 7.21 24.34
CA ASN A 100 6.67 7.08 25.42
C ASN A 100 7.84 8.00 25.05
N THR A 101 8.97 7.86 25.71
CA THR A 101 10.08 8.79 25.49
C THR A 101 10.58 8.82 24.05
N SER A 102 10.73 7.67 23.41
CA SER A 102 11.37 7.60 22.11
C SER A 102 10.42 7.28 20.95
N GLU A 103 9.21 6.83 21.29
CA GLU A 103 8.29 6.22 20.32
C GLU A 103 6.89 6.83 20.31
N ILE A 104 6.26 6.86 19.15
CA ILE A 104 4.82 7.02 19.11
C ILE A 104 4.27 5.67 18.60
N ILE A 105 3.25 5.16 19.28
CA ILE A 105 2.73 3.80 19.03
C ILE A 105 1.32 3.95 18.45
N LEU A 106 1.15 3.43 17.24
CA LEU A 106 -0.14 3.38 16.57
C LEU A 106 -0.83 2.03 16.78
N ILE A 107 -2.03 2.02 17.35
CA ILE A 107 -2.77 0.77 17.51
C ILE A 107 -3.68 0.66 16.30
N LEU A 108 -3.38 -0.28 15.43
CA LEU A 108 -3.99 -0.33 14.11
C LEU A 108 -4.84 -1.59 13.94
N GLU A 109 -5.91 -1.45 13.18
CA GLU A 109 -6.74 -2.54 12.72
C GLU A 109 -5.87 -3.72 12.26
N TYR A 110 -6.20 -4.92 12.69
CA TYR A 110 -5.39 -6.10 12.31
C TYR A 110 -5.85 -6.67 10.97
N ALA A 111 -4.91 -6.88 10.08
CA ALA A 111 -5.12 -7.54 8.78
C ALA A 111 -4.30 -8.83 8.74
N ALA A 112 -4.98 -9.95 8.89
CA ALA A 112 -4.34 -11.26 9.06
C ALA A 112 -3.81 -11.89 7.74
N GLY A 113 -4.13 -11.30 6.59
CA GLY A 113 -3.79 -11.91 5.31
C GLY A 113 -2.42 -11.63 4.72
N GLY A 114 -1.68 -10.69 5.32
CA GLY A 114 -0.33 -10.34 4.84
C GLY A 114 -0.37 -9.38 3.67
N GLU A 115 0.72 -9.31 2.90
CA GLU A 115 0.87 -8.29 1.83
C GLU A 115 0.31 -8.80 0.51
N ILE A 116 -0.20 -7.93 -0.35
CA ILE A 116 -0.55 -8.41 -1.67
C ILE A 116 0.68 -8.87 -2.44
N PHE A 117 1.87 -8.41 -2.01
CA PHE A 117 3.13 -8.91 -2.55
C PHE A 117 3.22 -10.43 -2.51
N SER A 118 2.75 -11.04 -1.43
CA SER A 118 2.78 -12.52 -1.31
C SER A 118 2.08 -13.21 -2.49
N LEU A 119 1.04 -12.57 -3.00
CA LEU A 119 0.32 -13.12 -4.13
C LEU A 119 1.04 -12.91 -5.48
N CYS A 120 2.16 -12.17 -5.48
CA CYS A 120 2.89 -11.84 -6.72
C CYS A 120 4.16 -12.67 -6.93
N LEU A 121 4.36 -13.67 -6.07
CA LEU A 121 5.56 -14.50 -6.11
C LEU A 121 5.27 -15.78 -6.92
N PRO A 122 6.29 -16.34 -7.61
CA PRO A 122 6.11 -17.66 -8.27
C PRO A 122 5.43 -18.72 -7.37
N GLU A 123 5.99 -18.95 -6.18
CA GLU A 123 5.47 -19.92 -5.19
C GLU A 123 3.93 -20.02 -5.20
N LEU A 124 3.27 -18.96 -4.74
CA LEU A 124 1.80 -18.90 -4.71
C LEU A 124 1.29 -18.38 -6.05
N GLU A 126 -0.38 -21.96 -7.79
CA GLU A 126 -1.05 -20.67 -7.84
C GLU A 126 -2.53 -20.76 -7.48
N MET A 127 -2.98 -19.82 -6.65
CA MET A 127 -4.35 -19.79 -6.16
C MET A 127 -5.10 -18.47 -6.42
N VAL A 128 -4.56 -17.57 -7.27
CA VAL A 128 -5.21 -16.25 -7.52
C VAL A 128 -5.78 -16.09 -8.94
N SER A 129 -7.10 -16.23 -9.02
CA SER A 129 -7.87 -16.21 -10.26
C SER A 129 -7.96 -14.82 -10.86
N GLU A 130 -8.38 -14.73 -12.12
CA GLU A 130 -8.68 -13.40 -12.69
C GLU A 130 -9.78 -12.71 -11.87
N ASN A 131 -10.76 -13.48 -11.38
CA ASN A 131 -11.80 -12.89 -10.52
C ASN A 131 -11.18 -12.18 -9.33
N ASP A 132 -10.18 -12.80 -8.71
CA ASP A 132 -9.58 -12.24 -7.51
C ASP A 132 -8.80 -10.97 -7.87
N VAL A 133 -7.97 -11.04 -8.90
CA VAL A 133 -7.18 -9.87 -9.27
C VAL A 133 -8.06 -8.69 -9.64
N ILE A 134 -9.12 -8.95 -10.38
CA ILE A 134 -10.07 -7.88 -10.75
C ILE A 134 -10.66 -7.26 -9.51
N ARG A 135 -11.11 -8.07 -8.56
CA ARG A 135 -11.65 -7.47 -7.33
C ARG A 135 -10.59 -6.71 -6.50
N LEU A 136 -9.41 -7.27 -6.34
CA LEU A 136 -8.37 -6.57 -5.56
C LEU A 136 -8.04 -5.23 -6.16
N ILE A 137 -7.85 -5.18 -7.48
CA ILE A 137 -7.50 -3.91 -8.14
C ILE A 137 -8.63 -2.89 -7.99
N LYS A 138 -9.86 -3.36 -8.04
CA LYS A 138 -11.03 -2.49 -7.92
C LYS A 138 -11.07 -1.90 -6.52
N GLN A 139 -10.83 -2.74 -5.51
CA GLN A 139 -10.77 -2.27 -4.13
C GLN A 139 -9.59 -1.32 -3.93
N ILE A 140 -8.47 -1.62 -4.55
CA ILE A 140 -7.34 -0.71 -4.49
C ILE A 140 -7.69 0.62 -5.12
N LEU A 141 -8.35 0.59 -6.28
CA LEU A 141 -8.75 1.82 -6.94
C LEU A 141 -9.79 2.61 -6.12
N GLU A 142 -10.68 1.91 -5.40
CA GLU A 142 -11.61 2.63 -4.54
C GLU A 142 -10.88 3.39 -3.44
N GLY A 143 -9.86 2.78 -2.88
CA GLY A 143 -9.13 3.41 -1.79
C GLY A 143 -8.36 4.60 -2.33
N VAL A 144 -7.74 4.44 -3.48
CA VAL A 144 -6.96 5.53 -4.06
C VAL A 144 -7.86 6.65 -4.55
N TYR A 145 -9.04 6.32 -5.09
CA TYR A 145 -9.96 7.35 -5.48
C TYR A 145 -10.28 8.24 -4.27
N TYR A 146 -10.58 7.60 -3.15
CA TYR A 146 -10.95 8.31 -1.95
C TYR A 146 -9.84 9.25 -1.50
N LEU A 147 -8.63 8.70 -1.40
CA LEU A 147 -7.41 9.48 -1.08
C LEU A 147 -7.21 10.71 -1.97
N HIS A 148 -7.23 10.48 -3.28
CA HIS A 148 -7.09 11.54 -4.24
C HIS A 148 -8.22 12.55 -4.14
N GLN A 149 -9.46 12.11 -3.95
CA GLN A 149 -10.57 13.09 -3.78
C GLN A 149 -10.29 13.99 -2.58
N ASN A 150 -9.55 13.48 -1.60
CA ASN A 150 -9.13 14.29 -0.49
C ASN A 150 -7.74 14.94 -0.65
N ASN A 151 -7.24 15.06 -1.88
CA ASN A 151 -5.92 15.63 -2.16
C ASN A 151 -4.74 14.95 -1.41
N ILE A 152 -4.89 13.66 -1.08
CA ILE A 152 -3.81 12.84 -0.53
C ILE A 152 -3.26 11.92 -1.62
N VAL A 153 -1.93 11.93 -1.77
CA VAL A 153 -1.21 11.08 -2.70
C VAL A 153 -0.34 10.22 -1.82
N HIS A 154 -0.53 8.91 -1.85
CA HIS A 154 0.20 7.99 -0.97
C HIS A 154 1.69 8.07 -1.23
N LEU A 155 2.08 8.01 -2.50
CA LEU A 155 3.47 8.03 -2.92
C LEU A 155 4.36 6.81 -2.55
N ASP A 156 3.77 5.72 -2.07
CA ASP A 156 4.59 4.53 -1.74
C ASP A 156 3.71 3.28 -1.91
N LEU A 157 2.94 3.20 -2.99
CA LEU A 157 2.01 2.08 -3.13
C LEU A 157 2.68 0.88 -3.80
N LYS A 158 3.76 0.38 -3.19
CA LYS A 158 4.28 -0.92 -3.56
C LYS A 158 3.30 -2.01 -3.15
N PRO A 159 3.43 -3.21 -3.74
CA PRO A 159 2.57 -4.28 -3.31
C PRO A 159 2.78 -4.63 -1.83
N GLN A 160 3.93 -4.28 -1.27
CA GLN A 160 4.22 -4.56 0.13
C GLN A 160 3.36 -3.71 1.06
N ASN A 161 2.86 -2.57 0.56
CA ASN A 161 2.15 -1.60 1.40
C ASN A 161 0.64 -1.65 1.23
N ILE A 162 0.15 -2.78 0.73
CA ILE A 162 -1.27 -3.04 0.66
C ILE A 162 -1.42 -4.44 1.27
N LEU A 163 -2.25 -4.53 2.29
CA LEU A 163 -2.41 -5.78 3.00
C LEU A 163 -3.81 -6.31 2.67
N LEU A 164 -4.06 -7.54 3.11
CA LEU A 164 -5.34 -8.21 3.01
C LEU A 164 -5.88 -8.49 4.43
N SER A 165 -7.19 -8.37 4.61
CA SER A 165 -7.81 -8.71 5.88
C SER A 165 -7.79 -10.24 6.12
N SER A 166 -7.75 -11.02 5.04
CA SER A 166 -7.72 -12.50 5.14
C SER A 166 -7.18 -13.08 3.85
N ILE A 167 -6.59 -14.28 3.91
CA ILE A 167 -6.29 -15.06 2.69
C ILE A 167 -7.00 -16.40 2.62
N TYR A 168 -7.56 -16.87 3.74
CA TYR A 168 -8.32 -18.11 3.75
C TYR A 168 -9.69 -17.87 4.34
N PRO A 169 -10.64 -17.40 3.50
CA PRO A 169 -10.46 -17.04 2.09
C PRO A 169 -9.91 -15.63 1.85
N LEU A 170 -9.67 -15.33 0.59
CA LEU A 170 -9.13 -14.05 0.15
C LEU A 170 -10.08 -12.93 0.55
N GLY A 171 -9.56 -11.96 1.27
CA GLY A 171 -10.40 -10.95 1.89
C GLY A 171 -10.28 -9.62 1.19
N ASP A 172 -10.31 -8.54 1.98
CA ASP A 172 -10.37 -7.18 1.44
C ASP A 172 -9.07 -6.38 1.68
N ILE A 173 -8.89 -5.34 0.88
CA ILE A 173 -7.66 -4.58 0.81
C ILE A 173 -7.57 -3.53 1.92
N LYS A 174 -6.35 -3.25 2.37
CA LYS A 174 -6.09 -2.25 3.39
C LYS A 174 -4.78 -1.55 3.04
N ILE A 175 -4.88 -0.33 2.57
CA ILE A 175 -3.69 0.42 2.24
C ILE A 175 -3.09 0.86 3.57
N VAL A 176 -1.77 0.68 3.70
CA VAL A 176 -1.01 1.06 4.87
C VAL A 176 0.23 1.91 4.52
N ASP A 177 0.99 2.27 5.55
CA ASP A 177 2.29 2.92 5.42
C ASP A 177 2.19 4.28 4.74
N PHE A 178 1.50 5.20 5.40
CA PHE A 178 1.29 6.56 4.87
C PHE A 178 2.44 7.51 5.18
N GLY A 179 3.61 6.95 5.49
CA GLY A 179 4.76 7.78 5.85
C GLY A 179 5.23 8.76 4.80
N MET A 180 4.99 8.45 3.51
CA MET A 180 5.43 9.30 2.39
C MET A 180 4.30 10.14 1.80
N SER A 181 3.07 9.93 2.29
CA SER A 181 1.90 10.70 1.84
C SER A 181 2.16 12.22 1.78
N ARG A 182 1.65 12.87 0.74
CA ARG A 182 1.67 14.33 0.66
C ARG A 182 0.41 14.86 -0.04
N LYS A 183 0.17 16.16 0.05
CA LYS A 183 -0.81 16.81 -0.83
C LYS A 183 -0.29 16.89 -2.28
N ILE A 184 -1.21 16.90 -3.23
CA ILE A 184 -0.91 17.19 -4.64
C ILE A 184 -0.10 18.50 -4.72
N MET A 194 13.98 9.20 -3.63
CA MET A 194 14.83 8.04 -3.38
C MET A 194 14.24 7.05 -2.33
N GLY A 195 13.34 6.17 -2.81
CA GLY A 195 12.93 4.93 -2.09
C GLY A 195 13.39 3.67 -2.82
N THR A 196 12.63 2.57 -2.74
CA THR A 196 12.99 1.30 -3.46
C THR A 196 12.88 1.47 -4.99
N PRO A 197 14.02 1.38 -5.72
CA PRO A 197 14.11 1.85 -7.12
C PRO A 197 13.03 1.36 -8.12
N GLU A 198 12.78 0.06 -8.11
CA GLU A 198 11.85 -0.54 -9.04
C GLU A 198 10.39 -0.02 -9.04
N TYR A 199 9.97 0.69 -7.99
CA TYR A 199 8.58 1.17 -7.89
C TYR A 199 8.44 2.70 -8.03
N LEU A 200 9.55 3.37 -8.31
CA LEU A 200 9.57 4.82 -8.44
C LEU A 200 9.09 5.16 -9.84
N ALA A 201 8.22 6.16 -9.90
CA ALA A 201 7.60 6.60 -11.12
C ALA A 201 8.61 7.45 -11.86
N PRO A 202 8.53 7.48 -13.19
CA PRO A 202 9.48 8.32 -13.94
C PRO A 202 9.52 9.79 -13.51
N GLU A 203 8.38 10.36 -13.15
CA GLU A 203 8.34 11.76 -12.75
C GLU A 203 9.12 11.99 -11.47
N ILE A 204 9.21 10.96 -10.63
CA ILE A 204 10.00 11.04 -9.39
C ILE A 204 11.49 11.00 -9.71
N LEU A 205 11.89 10.19 -10.70
CA LEU A 205 13.30 10.13 -11.11
C LEU A 205 13.73 11.42 -11.80
N ASN A 206 12.77 12.17 -12.36
CA ASN A 206 13.06 13.44 -13.03
C ASN A 206 12.81 14.67 -12.16
N TYR A 207 12.59 14.45 -10.87
CA TYR A 207 12.27 15.52 -9.92
C TYR A 207 11.11 16.42 -10.38
N ASP A 208 10.08 15.83 -11.00
CA ASP A 208 8.86 16.57 -11.33
C ASP A 208 8.03 16.70 -10.05
N PRO A 209 7.09 17.66 -10.00
CA PRO A 209 6.32 17.68 -8.75
C PRO A 209 5.43 16.44 -8.50
N ILE A 210 4.81 16.47 -7.33
CA ILE A 210 4.05 15.35 -6.86
C ILE A 210 2.69 15.45 -7.54
N THR A 211 2.30 14.36 -8.17
CA THR A 211 1.02 14.27 -8.84
C THR A 211 0.30 12.99 -8.35
N THR A 212 -1.03 13.01 -8.40
CA THR A 212 -1.87 11.82 -8.16
C THR A 212 -1.60 10.73 -9.16
N ALA A 213 -1.10 11.13 -10.32
CA ALA A 213 -0.67 10.23 -11.38
C ALA A 213 0.37 9.19 -10.94
N THR A 214 1.26 9.58 -10.04
CA THR A 214 2.27 8.63 -9.49
C THR A 214 1.65 7.43 -8.83
N ASP A 215 0.57 7.61 -8.10
CA ASP A 215 -0.07 6.44 -7.51
C ASP A 215 -0.61 5.51 -8.58
N MET A 216 -1.08 6.09 -9.66
CA MET A 216 -1.69 5.33 -10.71
C MET A 216 -0.66 4.48 -11.44
N TRP A 217 0.55 5.02 -11.62
CA TRP A 217 1.70 4.22 -12.09
C TRP A 217 1.94 3.02 -11.21
N ASN A 218 1.89 3.22 -9.90
CA ASN A 218 2.11 2.10 -8.97
C ASN A 218 1.01 1.03 -9.03
N ILE A 219 -0.22 1.44 -9.33
CA ILE A 219 -1.32 0.49 -9.54
C ILE A 219 -1.10 -0.32 -10.85
N GLY A 220 -0.55 0.31 -11.87
CA GLY A 220 -0.11 -0.42 -13.07
C GLY A 220 0.88 -1.51 -12.66
N ILE A 221 1.89 -1.16 -11.86
CA ILE A 221 2.88 -2.14 -11.48
C ILE A 221 2.21 -3.28 -10.68
N ILE A 222 1.37 -2.94 -9.72
CA ILE A 222 0.62 -3.95 -8.95
C ILE A 222 -0.21 -4.94 -9.79
N ALA A 223 -0.97 -4.44 -10.75
CA ALA A 223 -1.70 -5.32 -11.65
C ALA A 223 -0.71 -6.19 -12.42
N TYR A 224 0.36 -5.61 -12.93
CA TYR A 224 1.35 -6.36 -13.71
C TYR A 224 1.95 -7.48 -12.87
N MET A 225 2.26 -7.19 -11.61
CA MET A 225 2.86 -8.20 -10.75
C MET A 225 1.89 -9.30 -10.35
N LEU A 226 0.62 -8.96 -10.10
CA LEU A 226 -0.40 -9.95 -9.70
C LEU A 226 -0.65 -10.93 -10.83
N LEU A 227 -0.66 -10.39 -12.04
CA LEU A 227 -0.99 -11.16 -13.22
C LEU A 227 0.20 -11.94 -13.83
N THR A 228 1.43 -11.40 -13.76
CA THR A 228 2.63 -12.06 -14.38
C THR A 228 3.50 -12.75 -13.37
N HIS A 229 3.36 -12.32 -12.11
CA HIS A 229 4.25 -12.75 -11.02
C HIS A 229 5.73 -12.43 -11.31
N THR A 230 5.95 -11.36 -12.05
CA THR A 230 7.28 -10.84 -12.29
C THR A 230 7.20 -9.34 -12.04
N SER A 231 8.33 -8.77 -11.64
CA SER A 231 8.46 -7.32 -11.45
C SER A 231 8.70 -6.67 -12.81
N PRO A 232 7.96 -5.61 -13.14
CA PRO A 232 8.02 -5.07 -14.49
C PRO A 232 9.32 -4.31 -14.85
N PHE A 233 9.98 -3.73 -13.85
CA PHE A 233 11.11 -2.87 -14.15
C PHE A 233 12.45 -3.24 -13.51
N VAL A 234 12.48 -4.23 -12.61
CA VAL A 234 13.75 -4.55 -11.92
C VAL A 234 14.78 -5.04 -12.95
N GLY A 235 15.99 -4.52 -12.88
CA GLY A 235 17.10 -5.05 -13.70
C GLY A 235 18.18 -5.72 -12.86
N GLU A 236 19.33 -6.01 -13.48
CA GLU A 236 20.42 -6.71 -12.81
C GLU A 236 21.03 -5.79 -11.75
N ASP A 237 20.83 -4.48 -11.92
CA ASP A 237 21.27 -3.48 -10.93
C ASP A 237 20.42 -2.22 -11.01
N ASN A 238 20.65 -1.30 -10.10
CA ASN A 238 19.84 -0.10 -10.03
C ASN A 238 19.91 0.66 -11.37
N GLN A 239 21.12 0.85 -11.92
CA GLN A 239 21.26 1.63 -13.14
C GLN A 239 20.33 1.06 -14.21
N GLU A 240 20.28 -0.26 -14.35
CA GLU A 240 19.34 -0.84 -15.31
C GLU A 240 17.89 -0.61 -14.87
N THR A 241 17.59 -0.83 -13.60
CA THR A 241 16.25 -0.52 -13.12
C THR A 241 15.80 0.90 -13.52
N TYR A 242 16.67 1.90 -13.29
CA TYR A 242 16.38 3.28 -13.72
C TYR A 242 16.24 3.43 -15.23
N LEU A 243 17.08 2.77 -16.00
CA LEU A 243 16.93 2.78 -17.45
C LEU A 243 15.58 2.17 -17.86
N ASN A 244 15.13 1.14 -17.16
CA ASN A 244 13.87 0.50 -17.55
C ASN A 244 12.68 1.41 -17.26
N ILE A 245 12.74 2.11 -16.12
CA ILE A 245 11.65 2.99 -15.74
C ILE A 245 11.61 4.20 -16.66
N SER A 246 12.74 4.87 -16.87
CA SER A 246 12.77 6.09 -17.71
C SER A 246 12.46 5.85 -19.20
N GLN A 247 12.74 4.64 -19.70
CA GLN A 247 12.44 4.31 -21.10
C GLN A 247 11.09 3.60 -21.23
N VAL A 248 10.51 3.28 -20.07
CA VAL A 248 9.28 2.49 -19.97
C VAL A 248 9.45 1.23 -20.83
N ASN A 249 10.51 0.50 -20.51
CA ASN A 249 10.86 -0.73 -21.15
C ASN A 249 10.23 -1.88 -20.35
N VAL A 250 9.02 -2.27 -20.73
CA VAL A 250 8.29 -3.33 -20.02
C VAL A 250 8.11 -4.53 -20.92
N ASP A 251 8.22 -5.73 -20.35
CA ASP A 251 8.02 -6.99 -21.07
C ASP A 251 6.54 -7.27 -21.21
N TYR A 252 6.08 -7.19 -22.45
CA TYR A 252 4.73 -7.59 -22.86
C TYR A 252 4.76 -8.79 -23.85
N SER A 253 5.85 -9.54 -23.89
CA SER A 253 5.95 -10.68 -24.81
C SER A 253 4.80 -11.68 -24.59
N GLU A 254 4.46 -12.41 -25.65
CA GLU A 254 3.45 -13.48 -25.61
C GLU A 254 3.73 -14.51 -24.51
N GLU A 255 5.01 -14.68 -24.17
CA GLU A 255 5.41 -15.69 -23.19
C GLU A 255 4.89 -15.26 -21.83
N THR A 256 5.21 -14.03 -21.43
CA THR A 256 4.81 -13.54 -20.12
C THR A 256 3.30 -13.32 -20.05
N PHE A 257 2.71 -12.89 -21.15
CA PHE A 257 1.29 -12.58 -21.21
C PHE A 257 0.39 -13.69 -21.77
N SER A 258 0.90 -14.91 -21.91
CA SER A 258 0.09 -15.98 -22.53
C SER A 258 -1.18 -16.30 -21.78
N SER A 259 -1.15 -16.16 -20.47
CA SER A 259 -2.35 -16.44 -19.67
C SER A 259 -2.97 -15.16 -19.12
N VAL A 260 -2.59 -14.01 -19.70
CA VAL A 260 -3.13 -12.72 -19.31
C VAL A 260 -4.06 -12.17 -20.42
N SER A 261 -5.17 -11.57 -20.02
CA SER A 261 -6.19 -11.20 -20.99
C SER A 261 -5.83 -9.85 -21.63
N GLN A 262 -6.28 -9.65 -22.87
CA GLN A 262 -6.09 -8.36 -23.54
C GLN A 262 -6.61 -7.20 -22.70
N LEU A 263 -7.82 -7.35 -22.15
CA LEU A 263 -8.38 -6.30 -21.26
C LEU A 263 -7.46 -5.94 -20.09
N ALA A 264 -6.92 -6.96 -19.44
CA ALA A 264 -5.93 -6.70 -18.37
C ALA A 264 -4.65 -6.03 -18.91
N THR A 265 -4.21 -6.45 -20.09
CA THR A 265 -3.07 -5.87 -20.75
C THR A 265 -3.32 -4.37 -21.02
N ASP A 266 -4.51 -4.01 -21.50
CA ASP A 266 -4.84 -2.61 -21.83
C ASP A 266 -4.83 -1.75 -20.57
N PHE A 267 -5.39 -2.32 -19.49
CA PHE A 267 -5.47 -1.61 -18.23
C PHE A 267 -4.04 -1.25 -17.80
N ILE A 268 -3.19 -2.25 -17.81
CA ILE A 268 -1.82 -2.06 -17.44
C ILE A 268 -1.16 -1.07 -18.38
N GLN A 269 -1.26 -1.29 -19.69
CA GLN A 269 -0.56 -0.41 -20.62
C GLN A 269 -1.03 1.08 -20.56
N SER A 270 -2.25 1.31 -20.11
CA SER A 270 -2.79 2.67 -20.00
C SER A 270 -2.19 3.40 -18.77
N LEU A 271 -1.86 2.63 -17.72
CA LEU A 271 -1.23 3.19 -16.52
C LEU A 271 0.28 3.37 -16.66
N LEU A 272 0.95 2.39 -17.24
CA LEU A 272 2.40 2.48 -17.37
C LEU A 272 2.86 3.26 -18.59
N VAL A 273 2.64 4.57 -18.58
CA VAL A 273 3.21 5.46 -19.62
C VAL A 273 4.01 6.60 -19.01
N LYS A 274 4.99 7.05 -19.77
CA LYS A 274 6.02 7.93 -19.30
C LYS A 274 5.38 9.21 -18.75
N ASN A 275 4.57 9.83 -19.60
CA ASN A 275 3.95 11.11 -19.30
C ASN A 275 2.78 10.97 -18.32
N PRO A 276 2.94 11.46 -17.08
CA PRO A 276 1.87 11.31 -16.06
C PRO A 276 0.48 11.87 -16.44
N GLU A 277 0.47 12.86 -17.33
CA GLU A 277 -0.76 13.52 -17.78
C GLU A 277 -1.63 12.61 -18.63
N LYS A 278 -1.03 11.54 -19.16
CA LYS A 278 -1.77 10.66 -20.05
C LYS A 278 -2.32 9.47 -19.31
N ARG A 279 -2.00 9.35 -18.03
CA ARG A 279 -2.53 8.25 -17.23
C ARG A 279 -3.94 8.60 -16.79
N PRO A 280 -4.84 7.61 -16.86
CA PRO A 280 -6.19 7.91 -16.38
C PRO A 280 -6.21 8.02 -14.85
N THR A 281 -7.15 8.79 -14.36
CA THR A 281 -7.45 8.93 -12.96
C THR A 281 -7.99 7.62 -12.37
N ALA A 282 -8.08 7.58 -11.06
CA ALA A 282 -8.65 6.40 -10.38
C ALA A 282 -10.10 6.22 -10.82
N GLU A 283 -10.84 7.32 -10.90
CA GLU A 283 -12.24 7.33 -11.32
C GLU A 283 -12.43 6.65 -12.66
N ILE A 284 -11.68 7.11 -13.64
CA ILE A 284 -11.74 6.56 -14.98
C ILE A 284 -11.31 5.10 -14.98
N CYS A 285 -10.28 4.77 -14.20
CA CYS A 285 -9.84 3.37 -14.06
C CYS A 285 -10.93 2.43 -13.56
N LEU A 286 -11.79 2.93 -12.66
CA LEU A 286 -12.91 2.12 -12.18
C LEU A 286 -13.93 1.80 -13.28
N SER A 287 -13.90 2.52 -14.38
CA SER A 287 -14.86 2.27 -15.45
C SER A 287 -14.21 1.46 -16.55
N HIS A 288 -12.95 1.08 -16.37
CA HIS A 288 -12.27 0.32 -17.38
C HIS A 288 -13.01 -0.99 -17.62
N SER A 289 -13.23 -1.34 -18.90
CA SER A 289 -13.91 -2.58 -19.27
C SER A 289 -13.39 -3.82 -18.54
N TRP A 290 -12.09 -3.88 -18.30
CA TRP A 290 -11.53 -5.03 -17.60
C TRP A 290 -12.23 -5.26 -16.25
N LEU A 291 -12.67 -4.19 -15.58
CA LEU A 291 -13.25 -4.31 -14.25
C LEU A 291 -14.77 -4.47 -14.21
N GLN A 292 -15.43 -4.42 -15.37
CA GLN A 292 -16.88 -4.55 -15.41
C GLN A 292 -17.24 -6.04 -15.40
N GLN A 293 -17.85 -6.48 -14.30
CA GLN A 293 -18.23 -7.87 -14.14
C GLN A 293 -19.62 -7.98 -13.53
N TRP A 294 -20.40 -8.96 -13.95
CA TRP A 294 -21.63 -9.26 -13.27
C TRP A 294 -21.33 -10.43 -12.33
N ASP A 295 -21.76 -10.33 -11.07
CA ASP A 295 -21.74 -11.51 -10.18
C ASP A 295 -22.87 -12.43 -10.63
N PHE A 296 -22.57 -13.69 -10.94
CA PHE A 296 -23.57 -14.62 -11.52
C PHE A 296 -24.66 -15.06 -10.53
N GLU A 297 -24.51 -14.72 -9.25
CA GLU A 297 -25.52 -15.03 -8.20
C GLU A 297 -26.74 -14.10 -8.31
N ASN A 298 -26.56 -12.97 -8.99
CA ASN A 298 -27.59 -11.93 -9.12
C ASN A 298 -28.64 -12.20 -10.20
N LEU A 299 -29.84 -11.67 -9.97
CA LEU A 299 -30.97 -11.82 -10.90
C LEU A 299 -30.92 -10.71 -11.95
#